data_5AG9
#
_entry.id   5AG9
#
_cell.length_a   51.570
_cell.length_b   61.810
_cell.length_c   54.050
_cell.angle_alpha   90.00
_cell.angle_beta   116.79
_cell.angle_gamma   90.00
#
_symmetry.space_group_name_H-M   'P 1 21 1'
#
loop_
_entity.id
_entity.type
_entity.pdbx_description
1 polymer 'Gingipain R2'
2 non-polymer 'SULFATE ION'
3 water water
#
_entity_poly.entity_id   1
_entity_poly.type   'polypeptide(L)'
_entity_poly.pdbx_seq_one_letter_code
;GPTLVPTKMQVTAPANISASAQTFEVACDYNGAIATLSDDGDMVGTAIVKDGKAIIKLNESIADETNLTLTVVGYNKVTV
IKDVKVEGTSIEGRAADKPYTVAVSGKTITVESPAAGLTIFDMNGRRVATAKNRMVFEAQNGVYAVRIATEGKTYTEKVI
VK
;
_entity_poly.pdbx_strand_id   A,B
#
# COMPACT_ATOMS: atom_id res chain seq x y z
N VAL A 5 15.86 -11.65 11.49
CA VAL A 5 16.47 -11.48 10.12
C VAL A 5 15.43 -11.53 8.95
N PRO A 6 15.22 -10.39 8.25
CA PRO A 6 14.25 -10.36 7.13
C PRO A 6 14.67 -11.23 5.93
N THR A 7 13.71 -11.68 5.13
CA THR A 7 14.02 -12.46 3.90
C THR A 7 13.98 -11.58 2.64
N LYS A 8 14.41 -12.12 1.51
CA LYS A 8 14.44 -11.41 0.26
C LYS A 8 13.11 -11.63 -0.44
N MET A 9 12.72 -10.65 -1.27
CA MET A 9 11.64 -10.85 -2.23
C MET A 9 12.08 -10.54 -3.66
N GLN A 10 11.39 -11.14 -4.64
CA GLN A 10 11.79 -10.90 -6.01
C GLN A 10 10.95 -9.73 -6.53
N VAL A 11 11.60 -8.78 -7.21
CA VAL A 11 10.94 -7.57 -7.75
C VAL A 11 11.47 -7.37 -9.18
N THR A 12 10.55 -7.26 -10.14
CA THR A 12 10.88 -6.96 -11.53
C THR A 12 10.02 -5.80 -12.01
N ALA A 13 10.64 -4.80 -12.63
CA ALA A 13 9.92 -3.65 -13.07
C ALA A 13 10.66 -3.05 -14.24
N PRO A 14 9.98 -2.29 -15.10
CA PRO A 14 10.77 -1.63 -16.21
C PRO A 14 11.93 -0.78 -15.67
N ALA A 15 12.89 -0.46 -16.54
CA ALA A 15 14.04 0.37 -16.24
C ALA A 15 13.73 1.87 -16.54
N ASN A 16 12.63 2.11 -17.24
CA ASN A 16 12.28 3.43 -17.77
C ASN A 16 10.79 3.61 -17.63
N ILE A 17 10.34 4.84 -17.74
CA ILE A 17 8.92 5.15 -17.65
C ILE A 17 8.78 6.37 -18.55
N SER A 18 7.70 6.42 -19.32
CA SER A 18 7.42 7.56 -20.16
C SER A 18 7.11 8.80 -19.30
N ALA A 19 7.56 9.95 -19.78
CA ALA A 19 7.19 11.22 -19.15
C ALA A 19 5.66 11.41 -19.08
N SER A 20 4.95 10.73 -19.98
CA SER A 20 3.50 10.85 -20.11
C SER A 20 2.75 9.76 -19.39
N ALA A 21 3.48 8.84 -18.79
CA ALA A 21 2.85 7.64 -18.24
C ALA A 21 1.81 7.95 -17.15
N GLN A 22 0.87 7.04 -16.99
CA GLN A 22 -0.17 7.19 -16.00
C GLN A 22 -0.13 6.10 -14.95
N THR A 23 0.53 5.00 -15.31
CA THR A 23 0.65 3.89 -14.39
C THR A 23 2.04 3.26 -14.49
N PHE A 24 2.34 2.33 -13.58
CA PHE A 24 3.63 1.65 -13.63
C PHE A 24 3.44 0.34 -12.91
N GLU A 25 3.80 -0.75 -13.58
CA GLU A 25 3.48 -2.09 -13.15
C GLU A 25 4.75 -2.72 -12.60
N VAL A 26 4.66 -3.28 -11.40
CA VAL A 26 5.80 -3.88 -10.75
C VAL A 26 5.37 -5.32 -10.39
N ALA A 27 6.18 -6.31 -10.77
CA ALA A 27 5.96 -7.69 -10.37
C ALA A 27 6.76 -7.93 -9.13
N CYS A 28 6.17 -8.69 -8.19
CA CYS A 28 6.77 -8.92 -6.90
C CYS A 28 6.15 -10.18 -6.33
N ASP A 29 6.96 -11.07 -5.77
CA ASP A 29 6.47 -12.38 -5.37
C ASP A 29 6.04 -12.45 -3.91
N TYR A 30 5.96 -11.31 -3.26
CA TYR A 30 5.46 -11.25 -1.90
C TYR A 30 4.17 -10.45 -1.84
N ASN A 31 3.05 -11.15 -1.74
CA ASN A 31 1.75 -10.46 -1.70
C ASN A 31 1.67 -9.59 -0.50
N GLY A 32 1.21 -8.36 -0.65
CA GLY A 32 1.04 -7.50 0.50
C GLY A 32 2.19 -6.53 0.65
N ALA A 33 3.28 -6.74 -0.11
CA ALA A 33 4.35 -5.73 -0.26
C ALA A 33 3.74 -4.45 -0.86
N ILE A 34 4.44 -3.33 -0.67
CA ILE A 34 3.94 -2.03 -1.09
C ILE A 34 4.99 -1.41 -2.03
N ALA A 35 4.55 -1.09 -3.24
CA ALA A 35 5.42 -0.50 -4.26
C ALA A 35 5.12 0.98 -4.39
N THR A 36 6.15 1.84 -4.34
CA THR A 36 5.92 3.28 -4.37
C THR A 36 6.92 3.96 -5.26
N LEU A 37 6.49 4.92 -6.08
CA LEU A 37 7.40 5.71 -6.91
C LEU A 37 7.61 7.05 -6.23
N SER A 38 8.83 7.58 -6.24
CA SER A 38 9.06 8.87 -5.61
C SER A 38 10.21 9.67 -6.26
N ASP A 39 10.18 10.99 -6.07
CA ASP A 39 11.30 11.90 -6.40
C ASP A 39 11.62 12.50 -5.03
N ASP A 40 12.68 11.96 -4.43
CA ASP A 40 12.93 11.94 -2.97
C ASP A 40 12.01 12.81 -2.11
N GLY A 41 10.95 12.22 -1.58
CA GLY A 41 9.98 13.02 -0.81
C GLY A 41 8.68 13.41 -1.52
N ASP A 42 8.72 13.73 -2.80
CA ASP A 42 7.50 13.75 -3.56
C ASP A 42 7.08 12.29 -3.81
N MET A 43 6.06 11.81 -3.11
CA MET A 43 5.56 10.45 -3.32
C MET A 43 4.61 10.49 -4.50
N VAL A 44 5.05 9.98 -5.66
CA VAL A 44 4.20 10.11 -6.87
C VAL A 44 3.16 8.99 -7.09
N GLY A 45 3.16 7.98 -6.24
CA GLY A 45 2.21 6.90 -6.37
C GLY A 45 2.62 5.63 -5.64
N THR A 46 1.61 4.86 -5.22
CA THR A 46 1.80 3.69 -4.39
C THR A 46 0.74 2.67 -4.76
N ALA A 47 1.11 1.40 -4.75
CA ALA A 47 0.16 0.29 -4.88
C ALA A 47 0.62 -0.90 -4.05
N ILE A 48 -0.37 -1.67 -3.57
CA ILE A 48 -0.11 -2.93 -2.88
C ILE A 48 0.01 -4.03 -3.93
N VAL A 49 0.95 -4.94 -3.68
CA VAL A 49 1.09 -6.15 -4.46
C VAL A 49 -0.01 -7.15 -4.11
N LYS A 50 -0.71 -7.61 -5.16
CA LYS A 50 -1.86 -8.55 -5.05
C LYS A 50 -1.74 -9.48 -6.21
N ASP A 51 -1.85 -10.80 -6.03
CA ASP A 51 -1.71 -11.70 -7.22
C ASP A 51 -0.35 -11.42 -7.93
N GLY A 52 0.69 -11.06 -7.18
CA GLY A 52 2.00 -11.00 -7.79
C GLY A 52 2.34 -9.73 -8.54
N LYS A 53 1.43 -8.73 -8.52
CA LYS A 53 1.59 -7.44 -9.26
C LYS A 53 1.12 -6.28 -8.41
N ALA A 54 1.87 -5.17 -8.44
CA ALA A 54 1.33 -3.86 -8.05
C ALA A 54 1.24 -2.94 -9.28
N ILE A 55 0.03 -2.45 -9.57
CA ILE A 55 -0.19 -1.46 -10.65
C ILE A 55 -0.24 -0.14 -9.93
N ILE A 56 0.88 0.59 -9.98
CA ILE A 56 0.93 1.93 -9.38
C ILE A 56 0.19 2.93 -10.26
N LYS A 57 -0.89 3.49 -9.74
CA LYS A 57 -1.57 4.62 -10.38
C LYS A 57 -0.90 5.91 -9.93
N LEU A 58 -0.30 6.63 -10.86
CA LEU A 58 0.42 7.86 -10.51
C LEU A 58 -0.57 8.96 -10.09
N ASN A 59 -0.24 9.67 -9.01
CA ASN A 59 -1.11 10.70 -8.51
C ASN A 59 -0.81 12.10 -9.08
N GLU A 60 0.23 12.22 -9.90
CA GLU A 60 0.53 13.50 -10.56
C GLU A 60 1.32 13.18 -11.79
N SER A 61 1.48 14.16 -12.67
CA SER A 61 2.30 13.96 -13.84
C SER A 61 3.75 13.81 -13.37
N ILE A 62 4.54 12.96 -14.04
CA ILE A 62 5.95 12.81 -13.70
C ILE A 62 6.80 13.40 -14.81
N ALA A 63 6.15 14.16 -15.69
CA ALA A 63 6.84 14.71 -16.85
C ALA A 63 7.88 15.76 -16.42
N ASP A 64 7.85 16.18 -15.16
CA ASP A 64 8.84 17.14 -14.68
C ASP A 64 10.03 16.40 -14.08
N GLU A 65 10.04 15.06 -14.17
CA GLU A 65 11.14 14.24 -13.60
C GLU A 65 12.03 13.70 -14.71
N THR A 66 13.32 13.66 -14.41
CA THR A 66 14.31 12.88 -15.15
C THR A 66 14.49 11.43 -14.58
N ASN A 67 14.34 11.25 -13.27
CA ASN A 67 14.43 9.92 -12.63
C ASN A 67 13.36 9.77 -11.53
N LEU A 68 13.00 8.54 -11.23
CA LEU A 68 12.19 8.27 -10.06
C LEU A 68 12.80 7.06 -9.37
N THR A 69 12.57 6.98 -8.08
CA THR A 69 12.97 5.89 -7.26
C THR A 69 11.76 4.99 -7.03
N LEU A 70 11.90 3.69 -7.36
CA LEU A 70 10.95 2.65 -7.00
C LEU A 70 11.45 2.04 -5.69
N THR A 71 10.55 1.94 -4.69
CA THR A 71 10.82 1.32 -3.40
C THR A 71 9.70 0.29 -3.19
N VAL A 72 10.09 -0.92 -2.78
CA VAL A 72 9.13 -2.00 -2.48
C VAL A 72 9.49 -2.50 -1.06
N VAL A 73 8.50 -2.43 -0.17
CA VAL A 73 8.67 -2.68 1.26
C VAL A 73 7.73 -3.82 1.58
N GLY A 74 8.19 -4.75 2.42
CA GLY A 74 7.28 -5.83 2.90
C GLY A 74 7.58 -6.24 4.33
N TYR A 75 6.56 -6.67 5.07
CA TYR A 75 6.74 -7.17 6.45
C TYR A 75 7.84 -8.23 6.49
N ASN A 76 8.86 -7.97 7.31
CA ASN A 76 9.98 -8.93 7.47
C ASN A 76 10.73 -9.20 6.17
N LYS A 77 10.62 -8.27 5.21
CA LYS A 77 11.36 -8.35 3.96
C LYS A 77 12.40 -7.25 3.89
N VAL A 78 13.51 -7.57 3.24
CA VAL A 78 14.46 -6.55 2.81
C VAL A 78 13.89 -5.68 1.67
N THR A 79 13.86 -4.39 1.92
CA THR A 79 13.36 -3.40 0.98
C THR A 79 14.21 -3.44 -0.32
N VAL A 80 13.53 -3.37 -1.46
CA VAL A 80 14.15 -3.35 -2.78
C VAL A 80 13.95 -1.98 -3.39
N ILE A 81 15.07 -1.38 -3.83
CA ILE A 81 15.03 -0.07 -4.45
C ILE A 81 15.54 -0.21 -5.88
N LYS A 82 14.96 0.53 -6.83
CA LYS A 82 15.45 0.59 -8.23
C LYS A 82 15.33 2.02 -8.72
N ASP A 83 16.31 2.50 -9.49
CA ASP A 83 16.12 3.77 -10.21
C ASP A 83 15.31 3.59 -11.51
N VAL A 84 14.46 4.55 -11.85
CA VAL A 84 13.71 4.47 -13.09
C VAL A 84 13.88 5.79 -13.84
N LYS A 85 14.42 5.71 -15.04
CA LYS A 85 14.58 6.88 -15.87
C LYS A 85 13.25 7.29 -16.51
N VAL A 86 12.98 8.59 -16.49
CA VAL A 86 11.78 9.13 -17.13
C VAL A 86 12.16 9.76 -18.46
N GLU A 87 11.50 9.34 -19.53
CA GLU A 87 11.94 9.77 -20.84
C GLU A 87 10.85 10.54 -21.48
N GLY A 88 11.13 11.71 -22.04
CA GLY A 88 10.07 12.41 -22.79
C GLY A 88 9.55 11.46 -23.86
N LYS A 98 20.73 25.28 -16.42
CA LYS A 98 21.59 26.39 -16.80
C LYS A 98 21.51 26.90 -18.26
N PRO A 99 21.56 26.04 -19.29
CA PRO A 99 21.61 26.72 -20.60
C PRO A 99 20.23 26.97 -21.27
N TYR A 100 19.28 27.52 -20.51
CA TYR A 100 17.93 27.76 -20.99
C TYR A 100 17.25 28.67 -20.01
N THR A 101 16.07 29.17 -20.38
CA THR A 101 15.16 29.88 -19.44
C THR A 101 13.74 29.43 -19.73
N VAL A 102 12.98 29.22 -18.65
CA VAL A 102 11.58 28.97 -18.75
C VAL A 102 10.89 30.15 -18.09
N ALA A 103 10.11 30.91 -18.86
CA ALA A 103 9.48 32.15 -18.38
C ALA A 103 7.96 32.02 -18.39
N VAL A 104 7.33 32.56 -17.36
CA VAL A 104 5.87 32.60 -17.34
C VAL A 104 5.45 34.06 -17.32
N SER A 105 4.31 34.34 -17.96
CA SER A 105 3.75 35.67 -17.89
C SER A 105 2.28 35.50 -18.18
N GLY A 106 1.50 35.43 -17.12
CA GLY A 106 0.07 35.18 -17.25
C GLY A 106 -0.09 33.77 -17.82
N LYS A 107 -0.84 33.69 -18.91
CA LYS A 107 -1.09 32.41 -19.56
C LYS A 107 -0.03 32.00 -20.63
N THR A 108 1.12 32.64 -20.70
CA THR A 108 2.06 32.23 -21.71
C THR A 108 3.34 31.78 -21.03
N ILE A 109 3.90 30.72 -21.57
CA ILE A 109 5.14 30.17 -21.13
C ILE A 109 6.05 30.29 -22.31
N THR A 110 7.20 30.89 -22.08
CA THR A 110 8.20 31.09 -23.13
C THR A 110 9.46 30.30 -22.75
N VAL A 111 9.89 29.39 -23.65
CA VAL A 111 11.02 28.52 -23.40
C VAL A 111 12.10 28.82 -24.43
N GLU A 112 13.35 29.00 -24.02
CA GLU A 112 14.44 29.21 -24.98
C GLU A 112 15.65 28.47 -24.50
N SER A 113 16.34 27.86 -25.44
CA SER A 113 17.60 27.20 -25.21
C SER A 113 18.24 26.91 -26.61
N PRO A 114 19.44 27.46 -26.88
CA PRO A 114 20.03 27.14 -28.20
C PRO A 114 20.21 25.63 -28.46
N ALA A 115 19.92 25.19 -29.68
CA ALA A 115 19.98 23.77 -30.07
C ALA A 115 19.43 22.75 -29.06
N ALA A 116 18.21 22.97 -28.57
CA ALA A 116 17.57 22.00 -27.69
C ALA A 116 16.17 21.60 -28.14
N GLY A 117 15.81 20.36 -27.85
CA GLY A 117 14.44 19.89 -28.00
C GLY A 117 13.66 20.32 -26.76
N LEU A 118 12.63 21.12 -26.97
CA LEU A 118 11.77 21.64 -25.93
C LEU A 118 10.43 20.92 -26.00
N THR A 119 10.00 20.39 -24.86
CA THR A 119 8.74 19.78 -24.74
C THR A 119 8.01 20.30 -23.49
N ILE A 120 6.71 20.43 -23.62
CA ILE A 120 5.81 20.88 -22.51
C ILE A 120 4.72 19.83 -22.31
N PHE A 121 4.44 19.49 -21.05
CA PHE A 121 3.42 18.50 -20.71
C PHE A 121 2.45 19.16 -19.74
N ASP A 122 1.15 18.83 -19.86
CA ASP A 122 0.16 19.38 -18.92
C ASP A 122 0.09 18.57 -17.63
N MET A 123 -0.86 18.96 -16.78
CA MET A 123 -0.99 18.28 -15.48
C MET A 123 -1.56 16.87 -15.51
N ASN A 124 -2.00 16.38 -16.70
CA ASN A 124 -2.41 14.95 -16.89
C ASN A 124 -1.37 14.12 -17.54
N GLY A 125 -0.19 14.71 -17.65
CA GLY A 125 0.99 14.11 -18.29
C GLY A 125 0.94 14.14 -19.81
N ARG A 126 -0.02 14.85 -20.42
CA ARG A 126 -0.14 14.83 -21.87
C ARG A 126 0.82 15.81 -22.50
N ARG A 127 1.53 15.42 -23.56
CA ARG A 127 2.50 16.34 -24.18
C ARG A 127 1.74 17.35 -25.06
N VAL A 128 1.90 18.64 -24.77
CA VAL A 128 1.11 19.73 -25.37
C VAL A 128 1.90 20.58 -26.40
N ALA A 129 3.21 20.42 -26.45
CA ALA A 129 4.07 21.26 -27.28
C ALA A 129 5.47 20.69 -27.38
N THR A 130 6.04 20.85 -28.56
CA THR A 130 7.34 20.31 -28.99
C THR A 130 7.84 21.36 -29.94
N ALA A 131 9.09 21.76 -29.77
CA ALA A 131 9.71 22.76 -30.66
C ALA A 131 11.17 22.68 -30.46
N LYS A 132 11.91 23.31 -31.37
CA LYS A 132 13.36 23.41 -31.30
C LYS A 132 13.75 24.81 -30.92
N ASN A 133 14.67 24.93 -29.96
CA ASN A 133 15.34 26.20 -29.68
C ASN A 133 14.52 27.20 -28.91
N ARG A 134 13.34 27.56 -29.42
CA ARG A 134 12.46 28.56 -28.82
C ARG A 134 10.99 28.24 -29.07
N MET A 135 10.17 28.49 -28.07
CA MET A 135 8.76 28.49 -28.32
C MET A 135 8.07 29.41 -27.33
N VAL A 136 6.91 29.86 -27.77
CA VAL A 136 5.95 30.44 -26.88
C VAL A 136 4.79 29.49 -26.85
N PHE A 137 4.37 29.11 -25.63
CA PHE A 137 3.19 28.24 -25.47
C PHE A 137 2.04 28.99 -24.78
N GLU A 138 0.83 28.93 -25.33
CA GLU A 138 -0.37 29.57 -24.75
C GLU A 138 -1.10 28.55 -23.90
N ALA A 139 -1.02 28.77 -22.59
CA ALA A 139 -1.40 27.81 -21.60
C ALA A 139 -2.83 28.01 -21.03
N GLN A 140 -3.23 27.07 -20.19
CA GLN A 140 -4.40 27.29 -19.40
C GLN A 140 -3.99 27.20 -17.95
N ASN A 141 -4.89 27.64 -17.08
CA ASN A 141 -4.63 27.55 -15.69
C ASN A 141 -4.25 26.13 -15.29
N GLY A 142 -3.19 26.03 -14.51
CA GLY A 142 -2.72 24.71 -14.08
C GLY A 142 -1.19 24.63 -14.08
N VAL A 143 -0.71 23.41 -13.87
CA VAL A 143 0.69 23.17 -13.67
C VAL A 143 1.18 22.42 -14.89
N TYR A 144 2.31 22.88 -15.45
CA TYR A 144 2.95 22.26 -16.58
C TYR A 144 4.37 21.83 -16.25
N ALA A 145 4.81 20.76 -16.89
CA ALA A 145 6.23 20.42 -16.94
C ALA A 145 6.84 20.83 -18.29
N VAL A 146 8.04 21.37 -18.21
CA VAL A 146 8.80 21.76 -19.39
C VAL A 146 10.05 20.87 -19.43
N ARG A 147 10.34 20.27 -20.59
CA ARG A 147 11.59 19.45 -20.77
C ARG A 147 12.44 20.11 -21.82
N ILE A 148 13.72 20.32 -21.50
CA ILE A 148 14.69 20.94 -22.41
C ILE A 148 15.79 19.87 -22.53
N ALA A 149 15.90 19.27 -23.72
CA ALA A 149 16.76 18.14 -23.98
C ALA A 149 17.93 18.67 -24.79
N THR A 150 19.09 18.87 -24.15
CA THR A 150 20.29 19.25 -24.88
C THR A 150 21.09 17.98 -25.24
N GLU A 151 22.24 18.12 -25.92
CA GLU A 151 23.15 16.97 -26.11
C GLU A 151 23.70 16.58 -24.76
N GLY A 152 23.59 15.31 -24.41
CA GLY A 152 24.19 14.81 -23.17
C GLY A 152 23.33 14.96 -21.91
N LYS A 153 22.36 15.89 -21.97
CA LYS A 153 21.55 16.22 -20.79
C LYS A 153 20.15 16.84 -21.03
N THR A 154 19.17 16.27 -20.33
CA THR A 154 17.83 16.84 -20.23
C THR A 154 17.62 17.56 -18.90
N TYR A 155 17.09 18.79 -18.95
CA TYR A 155 16.64 19.51 -17.77
C TYR A 155 15.10 19.61 -17.72
N THR A 156 14.55 19.86 -16.54
CA THR A 156 13.11 20.10 -16.43
C THR A 156 12.81 21.21 -15.43
N GLU A 157 11.66 21.87 -15.65
CA GLU A 157 11.12 22.87 -14.76
C GLU A 157 9.61 22.59 -14.63
N LYS A 158 9.02 23.11 -13.57
CA LYS A 158 7.61 22.92 -13.41
C LYS A 158 7.04 24.33 -13.37
N VAL A 159 6.01 24.63 -14.12
CA VAL A 159 5.49 26.04 -14.17
C VAL A 159 4.06 26.07 -13.71
N ILE A 160 3.72 27.04 -12.89
CA ILE A 160 2.35 27.20 -12.48
C ILE A 160 1.80 28.38 -13.26
N VAL A 161 0.71 28.13 -13.97
CA VAL A 161 0.01 29.14 -14.75
C VAL A 161 -1.29 29.43 -14.00
N LYS A 162 -1.54 30.70 -13.66
CA LYS A 162 -2.78 31.06 -12.98
C LYS A 162 -3.91 31.38 -13.98
N VAL B 5 20.83 9.29 13.65
CA VAL B 5 19.90 8.71 14.71
C VAL B 5 18.41 8.91 14.33
N PRO B 6 17.61 7.83 14.34
CA PRO B 6 16.22 7.94 13.86
C PRO B 6 15.34 8.75 14.83
N THR B 7 14.27 9.33 14.30
CA THR B 7 13.31 10.06 15.15
C THR B 7 12.02 9.27 15.44
N LYS B 8 11.16 9.81 16.31
CA LYS B 8 9.85 9.20 16.60
C LYS B 8 8.77 9.62 15.61
N MET B 9 7.76 8.78 15.43
CA MET B 9 6.54 9.21 14.80
C MET B 9 5.37 8.99 15.74
N GLN B 10 4.27 9.70 15.49
CA GLN B 10 3.08 9.52 16.30
C GLN B 10 2.16 8.54 15.61
N VAL B 11 1.66 7.54 16.35
CA VAL B 11 0.83 6.47 15.80
C VAL B 11 -0.37 6.30 16.72
N THR B 12 -1.60 6.36 16.21
CA THR B 12 -2.69 6.02 17.11
C THR B 12 -3.60 5.10 16.33
N ALA B 13 -4.14 4.11 17.04
CA ALA B 13 -4.95 3.08 16.45
C ALA B 13 -5.84 2.54 17.53
N PRO B 14 -6.97 1.92 17.16
CA PRO B 14 -7.82 1.29 18.21
C PRO B 14 -7.02 0.20 18.98
N ALA B 15 -7.48 -0.09 20.21
CA ALA B 15 -6.83 -1.07 21.07
C ALA B 15 -7.44 -2.46 20.78
N ASN B 16 -8.53 -2.47 20.04
CA ASN B 16 -9.33 -3.68 19.80
C ASN B 16 -9.73 -3.68 18.30
N ILE B 17 -10.00 -4.87 17.77
CA ILE B 17 -10.53 -5.03 16.42
C ILE B 17 -11.63 -6.12 16.49
N SER B 18 -12.74 -5.97 15.77
CA SER B 18 -13.76 -7.07 15.71
C SER B 18 -13.23 -8.34 15.02
N ALA B 19 -13.64 -9.53 15.46
CA ALA B 19 -13.33 -10.76 14.72
C ALA B 19 -13.88 -10.68 13.29
N SER B 20 -14.86 -9.79 13.08
CA SER B 20 -15.55 -9.61 11.78
C SER B 20 -14.90 -8.57 10.92
N ALA B 21 -13.89 -7.90 11.45
CA ALA B 21 -13.41 -6.69 10.78
C ALA B 21 -12.83 -7.01 9.39
N GLN B 22 -13.01 -6.05 8.48
CA GLN B 22 -12.37 -6.13 7.20
C GLN B 22 -11.25 -5.11 6.99
N THR B 23 -11.26 -4.04 7.76
CA THR B 23 -10.22 -3.02 7.59
C THR B 23 -9.76 -2.58 8.99
N PHE B 24 -8.61 -1.90 9.09
CA PHE B 24 -8.16 -1.36 10.39
C PHE B 24 -7.49 -0.06 10.05
N GLU B 25 -7.90 1.03 10.68
CA GLU B 25 -7.36 2.30 10.28
C GLU B 25 -6.39 2.74 11.36
N VAL B 26 -5.29 3.31 10.91
CA VAL B 26 -4.18 3.67 11.77
C VAL B 26 -3.85 5.12 11.43
N ALA B 27 -3.77 6.00 12.43
CA ALA B 27 -3.33 7.38 12.20
C ALA B 27 -1.83 7.44 12.46
N CYS B 28 -1.11 8.19 11.62
CA CYS B 28 0.34 8.23 11.74
C CYS B 28 0.86 9.51 11.11
N ASP B 29 1.68 10.29 11.83
CA ASP B 29 2.13 11.59 11.30
C ASP B 29 3.32 11.53 10.38
N TYR B 30 3.71 10.33 9.94
CA TYR B 30 4.82 10.23 9.00
C TYR B 30 4.28 9.66 7.70
N ASN B 31 4.00 10.51 6.71
CA ASN B 31 3.53 9.94 5.42
C ASN B 31 4.54 9.01 4.79
N GLY B 32 4.06 7.88 4.30
CA GLY B 32 4.94 6.93 3.60
C GLY B 32 5.37 5.78 4.48
N ALA B 33 5.12 5.93 5.78
CA ALA B 33 5.35 4.81 6.67
C ALA B 33 4.39 3.66 6.32
N ILE B 34 4.79 2.46 6.74
CA ILE B 34 4.06 1.27 6.45
C ILE B 34 3.50 0.63 7.74
N ALA B 35 2.18 0.42 7.75
CA ALA B 35 1.49 -0.21 8.89
C ALA B 35 1.02 -1.61 8.51
N THR B 36 1.26 -2.60 9.39
CA THR B 36 0.98 -4.05 9.14
C THR B 36 0.32 -4.66 10.37
N LEU B 37 -0.67 -5.53 10.14
CA LEU B 37 -1.22 -6.37 11.17
C LEU B 37 -0.72 -7.80 10.91
N SER B 38 -0.30 -8.50 11.97
CA SER B 38 0.31 -9.82 11.83
C SER B 38 0.02 -10.67 13.08
N ASP B 39 -0.05 -11.98 12.88
CA ASP B 39 -0.15 -12.91 13.99
C ASP B 39 1.19 -13.58 13.95
N ASP B 40 2.03 -13.14 14.89
CA ASP B 40 3.28 -13.79 15.26
C ASP B 40 4.13 -14.15 14.05
N GLY B 41 4.41 -13.16 13.20
CA GLY B 41 5.20 -13.38 11.98
C GLY B 41 4.40 -13.51 10.69
N ASP B 42 3.16 -14.00 10.78
CA ASP B 42 2.23 -14.16 9.63
C ASP B 42 1.37 -12.91 9.39
N MET B 43 1.68 -12.19 8.33
CA MET B 43 1.05 -10.92 7.93
C MET B 43 -0.43 -11.10 7.65
N VAL B 44 -1.30 -10.21 8.12
CA VAL B 44 -2.74 -10.28 7.69
C VAL B 44 -3.20 -9.00 6.94
N GLY B 45 -2.34 -8.01 6.79
CA GLY B 45 -2.68 -6.84 5.99
C GLY B 45 -1.64 -5.77 6.23
N THR B 46 -1.33 -5.06 5.16
CA THR B 46 -0.46 -3.88 5.14
C THR B 46 -1.11 -2.74 4.32
N ALA B 47 -0.90 -1.50 4.78
CA ALA B 47 -1.15 -0.27 4.04
C ALA B 47 -0.07 0.80 4.33
N ILE B 48 0.12 1.68 3.35
CA ILE B 48 0.93 2.88 3.47
C ILE B 48 0.15 4.05 4.07
N VAL B 49 0.84 4.90 4.81
CA VAL B 49 0.25 6.12 5.37
C VAL B 49 0.30 7.16 4.27
N LYS B 50 -0.86 7.72 3.96
CA LYS B 50 -1.05 8.80 2.98
C LYS B 50 -1.95 9.80 3.68
N ASP B 51 -1.61 11.09 3.77
CA ASP B 51 -2.56 12.07 4.38
C ASP B 51 -2.80 11.75 5.87
N GLY B 52 -1.82 11.19 6.57
CA GLY B 52 -1.96 10.97 8.03
C GLY B 52 -2.72 9.71 8.45
N LYS B 53 -3.04 8.85 7.48
CA LYS B 53 -3.63 7.60 7.90
C LYS B 53 -3.33 6.47 6.97
N ALA B 54 -3.30 5.24 7.51
CA ALA B 54 -3.16 3.99 6.77
C ALA B 54 -4.44 3.23 6.99
N ILE B 55 -5.09 2.86 5.90
CA ILE B 55 -6.22 1.89 5.93
C ILE B 55 -5.76 0.47 5.50
N ILE B 56 -5.56 -0.39 6.50
CA ILE B 56 -5.12 -1.73 6.27
C ILE B 56 -6.33 -2.52 5.81
N LYS B 57 -6.26 -3.13 4.64
CA LYS B 57 -7.37 -4.05 4.22
C LYS B 57 -7.00 -5.47 4.54
N LEU B 58 -7.67 -6.09 5.49
CA LEU B 58 -7.28 -7.42 5.89
C LEU B 58 -7.32 -8.42 4.71
N ASN B 59 -6.24 -9.17 4.49
CA ASN B 59 -6.24 -10.09 3.36
C ASN B 59 -6.85 -11.46 3.69
N GLU B 60 -7.31 -11.68 4.94
CA GLU B 60 -8.04 -12.89 5.34
C GLU B 60 -8.94 -12.56 6.55
N SER B 61 -9.83 -13.48 6.94
CA SER B 61 -10.57 -13.35 8.20
C SER B 61 -9.59 -13.35 9.35
N ILE B 62 -9.86 -12.54 10.37
CA ILE B 62 -9.04 -12.62 11.59
C ILE B 62 -9.80 -13.27 12.73
N ALA B 63 -11.00 -13.80 12.43
CA ALA B 63 -11.84 -14.36 13.46
C ALA B 63 -11.15 -15.54 14.13
N ASP B 64 -10.05 -16.02 13.52
CA ASP B 64 -9.28 -17.11 14.10
C ASP B 64 -8.18 -16.64 15.08
N GLU B 65 -8.11 -15.31 15.30
CA GLU B 65 -7.06 -14.69 16.14
C GLU B 65 -7.64 -14.15 17.44
N THR B 66 -6.90 -14.31 18.53
CA THR B 66 -7.28 -13.54 19.77
C THR B 66 -6.59 -12.19 19.86
N ASN B 67 -5.42 -12.10 19.24
CA ASN B 67 -4.62 -10.88 19.26
C ASN B 67 -3.93 -10.71 17.92
N LEU B 68 -3.60 -9.49 17.56
CA LEU B 68 -2.74 -9.21 16.43
C LEU B 68 -1.76 -8.14 16.86
N THR B 69 -0.58 -8.11 16.24
CA THR B 69 0.43 -7.08 16.38
C THR B 69 0.27 -6.05 15.24
N LEU B 70 0.18 -4.77 15.59
CA LEU B 70 0.28 -3.70 14.61
C LEU B 70 1.76 -3.25 14.62
N THR B 71 2.40 -3.21 13.44
CA THR B 71 3.77 -2.70 13.32
C THR B 71 3.72 -1.55 12.33
N VAL B 72 4.31 -0.40 12.68
CA VAL B 72 4.49 0.73 11.76
C VAL B 72 5.99 1.05 11.60
N VAL B 73 6.47 1.02 10.35
CA VAL B 73 7.88 1.21 10.07
C VAL B 73 7.97 2.42 9.17
N GLY B 74 9.04 3.19 9.33
CA GLY B 74 9.21 4.37 8.51
C GLY B 74 10.69 4.64 8.32
N TYR B 75 11.04 5.07 7.11
CA TYR B 75 12.40 5.54 6.81
C TYR B 75 12.94 6.45 7.92
N ASN B 76 13.94 5.97 8.65
CA ASN B 76 14.61 6.77 9.69
C ASN B 76 13.68 7.20 10.87
N LYS B 77 12.62 6.40 11.06
CA LYS B 77 11.73 6.50 12.19
C LYS B 77 11.87 5.24 13.05
N VAL B 78 11.71 5.39 14.36
CA VAL B 78 11.73 4.24 15.27
C VAL B 78 10.41 3.48 15.10
N THR B 79 10.48 2.18 14.84
CA THR B 79 9.31 1.30 14.56
C THR B 79 8.36 1.36 15.73
N VAL B 80 7.05 1.47 15.45
CA VAL B 80 6.07 1.46 16.54
C VAL B 80 5.30 0.19 16.46
N ILE B 81 5.10 -0.45 17.61
CA ILE B 81 4.31 -1.68 17.69
C ILE B 81 3.27 -1.52 18.80
N LYS B 82 2.12 -2.20 18.63
CA LYS B 82 0.99 -2.19 19.56
C LYS B 82 0.28 -3.51 19.46
N ASP B 83 -0.12 -4.07 20.59
CA ASP B 83 -1.00 -5.23 20.58
C ASP B 83 -2.47 -4.82 20.37
N VAL B 84 -3.19 -5.56 19.53
CA VAL B 84 -4.56 -5.25 19.26
C VAL B 84 -5.34 -6.53 19.60
N LYS B 85 -6.21 -6.44 20.59
CA LYS B 85 -7.01 -7.56 21.00
C LYS B 85 -8.09 -7.84 19.94
N VAL B 86 -8.33 -9.10 19.59
CA VAL B 86 -9.39 -9.42 18.61
C VAL B 86 -10.61 -9.94 19.35
N GLU B 87 -11.77 -9.33 19.15
CA GLU B 87 -12.95 -9.76 19.92
C GLU B 87 -14.09 -10.30 19.08
N GLY B 88 -14.88 -11.22 19.65
CA GLY B 88 -16.05 -11.79 18.96
C GLY B 88 -16.66 -10.98 17.83
N LYS B 98 -6.63 -27.77 26.94
CA LYS B 98 -7.69 -27.08 26.19
C LYS B 98 -9.10 -27.69 26.45
N PRO B 99 -9.99 -26.96 27.13
CA PRO B 99 -11.21 -27.63 27.56
C PRO B 99 -12.34 -27.64 26.49
N TYR B 100 -12.08 -28.19 25.30
CA TYR B 100 -13.07 -28.18 24.21
C TYR B 100 -12.62 -29.08 23.10
N THR B 101 -13.54 -29.43 22.21
CA THR B 101 -13.20 -30.08 20.94
C THR B 101 -13.98 -29.38 19.81
N VAL B 102 -13.30 -29.26 18.69
CA VAL B 102 -13.84 -28.81 17.44
C VAL B 102 -13.64 -29.99 16.49
N ALA B 103 -14.73 -30.62 16.02
CA ALA B 103 -14.63 -31.80 15.13
C ALA B 103 -15.12 -31.49 13.73
N VAL B 104 -14.50 -32.06 12.73
CA VAL B 104 -14.99 -31.87 11.39
C VAL B 104 -15.35 -33.25 10.90
N SER B 105 -16.48 -33.35 10.18
CA SER B 105 -16.86 -34.58 9.53
C SER B 105 -17.60 -34.18 8.27
N GLY B 106 -16.90 -34.21 7.15
CA GLY B 106 -17.45 -33.74 5.88
C GLY B 106 -17.83 -32.27 6.01
N LYS B 107 -19.08 -31.93 5.68
CA LYS B 107 -19.53 -30.55 5.83
C LYS B 107 -20.16 -30.25 7.20
N THR B 108 -19.85 -31.05 8.22
CA THR B 108 -20.33 -30.80 9.57
C THR B 108 -19.18 -30.38 10.51
N ILE B 109 -19.41 -29.33 11.29
CA ILE B 109 -18.50 -28.91 12.34
C ILE B 109 -19.26 -28.97 13.64
N THR B 110 -18.77 -29.81 14.53
CA THR B 110 -19.36 -29.99 15.83
C THR B 110 -18.43 -29.42 16.86
N VAL B 111 -18.98 -28.56 17.72
CA VAL B 111 -18.14 -27.86 18.64
C VAL B 111 -18.66 -28.17 19.99
N GLU B 112 -17.77 -28.39 20.96
CA GLU B 112 -18.23 -28.62 22.33
C GLU B 112 -17.25 -28.25 23.39
N SER B 113 -17.81 -27.74 24.48
CA SER B 113 -17.08 -27.29 25.64
C SER B 113 -18.00 -27.29 26.85
N PRO B 114 -17.46 -27.62 28.03
CA PRO B 114 -18.33 -27.70 29.23
C PRO B 114 -19.18 -26.44 29.46
N ALA B 115 -18.55 -25.27 29.47
CA ALA B 115 -19.28 -24.02 29.52
C ALA B 115 -18.49 -23.04 28.71
N ALA B 116 -19.08 -22.56 27.62
CA ALA B 116 -18.35 -21.70 26.74
C ALA B 116 -19.29 -20.93 25.82
N GLY B 117 -18.93 -19.69 25.49
CA GLY B 117 -19.60 -19.02 24.34
C GLY B 117 -18.95 -19.59 23.08
N LEU B 118 -19.76 -20.15 22.19
CA LEU B 118 -19.26 -20.71 20.92
C LEU B 118 -19.67 -19.84 19.72
N THR B 119 -18.72 -19.48 18.86
CA THR B 119 -19.01 -18.72 17.60
C THR B 119 -18.18 -19.25 16.42
N ILE B 120 -18.79 -19.28 15.24
CA ILE B 120 -18.12 -19.75 14.00
C ILE B 120 -18.16 -18.63 12.98
N PHE B 121 -17.04 -18.34 12.32
CA PHE B 121 -17.04 -17.27 11.29
C PHE B 121 -16.64 -17.92 9.97
N ASP B 122 -17.28 -17.49 8.90
CA ASP B 122 -16.88 -18.00 7.57
C ASP B 122 -15.61 -17.28 7.10
N MET B 123 -15.14 -17.61 5.90
CA MET B 123 -13.87 -17.03 5.37
C MET B 123 -13.89 -15.56 4.95
N ASN B 124 -15.06 -14.91 4.91
CA ASN B 124 -15.05 -13.43 4.76
C ASN B 124 -15.20 -12.74 6.06
N GLY B 125 -14.96 -13.47 7.15
CA GLY B 125 -15.08 -12.95 8.51
C GLY B 125 -16.50 -12.78 9.03
N ARG B 126 -17.50 -13.26 8.30
CA ARG B 126 -18.87 -13.20 8.78
C ARG B 126 -19.21 -14.21 9.85
N ARG B 127 -19.89 -13.77 10.89
CA ARG B 127 -20.30 -14.68 11.93
C ARG B 127 -21.52 -15.46 11.47
N VAL B 128 -21.36 -16.80 11.41
CA VAL B 128 -22.36 -17.70 10.84
C VAL B 128 -23.05 -18.51 11.92
N ALA B 129 -22.53 -18.53 13.15
CA ALA B 129 -23.18 -19.31 14.22
C ALA B 129 -22.71 -18.92 15.57
N THR B 130 -23.67 -18.91 16.50
CA THR B 130 -23.51 -18.60 17.92
C THR B 130 -24.32 -19.60 18.72
N ALA B 131 -23.73 -20.11 19.81
CA ALA B 131 -24.40 -21.11 20.69
C ALA B 131 -23.62 -21.16 21.98
N LYS B 132 -24.22 -21.70 23.04
CA LYS B 132 -23.51 -21.92 24.31
C LYS B 132 -23.35 -23.42 24.42
N ASN B 133 -22.14 -23.84 24.76
CA ASN B 133 -21.82 -25.19 25.13
C ASN B 133 -21.70 -26.22 24.02
N ARG B 134 -22.74 -26.43 23.19
CA ARG B 134 -22.57 -27.33 22.05
C ARG B 134 -23.33 -26.85 20.81
N MET B 135 -22.82 -27.17 19.61
CA MET B 135 -23.56 -26.95 18.37
C MET B 135 -23.05 -27.92 17.35
N VAL B 136 -23.91 -28.21 16.41
CA VAL B 136 -23.51 -28.82 15.15
C VAL B 136 -23.79 -27.75 14.12
N PHE B 137 -22.74 -27.43 13.33
CA PHE B 137 -22.83 -26.43 12.26
C PHE B 137 -22.68 -27.12 10.88
N GLU B 138 -23.66 -26.89 10.01
CA GLU B 138 -23.63 -27.46 8.64
C GLU B 138 -22.95 -26.42 7.77
N ALA B 139 -21.72 -26.70 7.37
CA ALA B 139 -20.89 -25.75 6.65
C ALA B 139 -20.93 -25.91 5.12
N GLN B 140 -20.23 -25.03 4.43
CA GLN B 140 -19.93 -25.26 3.03
C GLN B 140 -18.43 -25.38 2.89
N ASN B 141 -18.04 -25.81 1.70
CA ASN B 141 -16.65 -25.86 1.40
C ASN B 141 -16.00 -24.53 1.73
N GLY B 142 -14.87 -24.60 2.42
CA GLY B 142 -14.12 -23.41 2.73
C GLY B 142 -13.45 -23.48 4.08
N VAL B 143 -13.00 -22.31 4.54
CA VAL B 143 -12.28 -22.18 5.77
C VAL B 143 -13.05 -21.41 6.85
N TYR B 144 -13.15 -22.01 8.04
CA TYR B 144 -13.85 -21.39 9.18
C TYR B 144 -12.98 -21.22 10.45
N ALA B 145 -13.24 -20.11 11.12
CA ALA B 145 -12.80 -19.92 12.47
C ALA B 145 -13.86 -20.26 13.54
N VAL B 146 -13.40 -20.98 14.56
CA VAL B 146 -14.20 -21.33 15.71
C VAL B 146 -13.54 -20.63 16.94
N ARG B 147 -14.40 -20.00 17.75
CA ARG B 147 -14.00 -19.24 18.97
C ARG B 147 -14.80 -19.83 20.11
N ILE B 148 -14.08 -20.19 21.17
CA ILE B 148 -14.61 -20.85 22.35
C ILE B 148 -14.22 -19.94 23.53
N ALA B 149 -15.21 -19.21 24.02
CA ALA B 149 -15.07 -18.13 24.98
C ALA B 149 -15.45 -18.78 26.30
N THR B 150 -14.45 -18.99 27.16
CA THR B 150 -14.71 -19.60 28.47
C THR B 150 -14.43 -18.46 29.48
N GLU B 151 -14.68 -18.69 30.78
CA GLU B 151 -14.34 -17.74 31.86
C GLU B 151 -12.84 -17.54 31.86
N GLY B 152 -12.36 -16.33 31.60
CA GLY B 152 -10.92 -16.09 31.69
C GLY B 152 -10.11 -16.23 30.41
N LYS B 153 -10.57 -17.06 29.46
CA LYS B 153 -9.81 -17.33 28.24
C LYS B 153 -10.67 -17.65 26.98
N THR B 154 -10.33 -17.00 25.87
CA THR B 154 -10.89 -17.37 24.57
C THR B 154 -9.89 -18.19 23.76
N TYR B 155 -10.40 -19.29 23.22
CA TYR B 155 -9.60 -20.14 22.35
C TYR B 155 -10.16 -20.11 20.94
N THR B 156 -9.27 -20.29 19.96
CA THR B 156 -9.68 -20.38 18.55
C THR B 156 -9.05 -21.58 17.84
N GLU B 157 -9.77 -22.07 16.83
CA GLU B 157 -9.37 -23.10 15.87
C GLU B 157 -9.81 -22.63 14.49
N LYS B 158 -9.13 -23.17 13.50
CA LYS B 158 -9.40 -22.84 12.13
C LYS B 158 -9.75 -24.16 11.51
N VAL B 159 -10.89 -24.26 10.83
CA VAL B 159 -11.39 -25.58 10.33
C VAL B 159 -11.47 -25.54 8.80
N ILE B 160 -10.95 -26.56 8.13
CA ILE B 160 -11.04 -26.65 6.70
C ILE B 160 -12.15 -27.64 6.39
N VAL B 161 -13.14 -27.15 5.65
CA VAL B 161 -14.23 -27.99 5.15
C VAL B 161 -14.02 -28.28 3.63
N LYS B 162 -14.04 -29.56 3.25
CA LYS B 162 -13.85 -29.95 1.84
C LYS B 162 -15.21 -30.14 1.19
#